data_1AUX
#
_entry.id   1AUX
#
_cell.length_a   76.160
_cell.length_b   76.160
_cell.length_c   182.330
_cell.angle_alpha   90.00
_cell.angle_beta   90.00
_cell.angle_gamma   120.00
#
_symmetry.space_group_name_H-M   'P 32 2 1'
#
loop_
_entity.id
_entity.type
_entity.pdbx_description
1 polymer 'SYNAPSIN IA'
2 non-polymer 'CALCIUM ION'
3 non-polymer 'PHOSPHOTHIOPHOSPHORIC ACID-ADENYLATE ESTER'
4 water water
#
_entity_poly.entity_id   1
_entity_poly.type   'polypeptide(L)'
_entity_poly.pdbx_seq_one_letter_code
;GAAARVLLVIDEPHTDWAKYFKGKKIHGEIDIKVEQAEFSDLNLVAHANGGFSVDMEVLRNGVKVVRSLKPDFVLIRQHA
FSMARNGDYRSLVIGLQYAGIPSINSLHSVYNFCDKPWVFAQMVRLHKKLGTEEFPLINQTFYPNHKEMLSSTTYPVVVK
MGHAHSGMGKVKVDNQHDFQDIASVVALTKTYATTEPFIDAKYDVRIQKIGQNYKAYMRTSVSGNWKTNTGSAMLEQIAM
SDRYKLWVDTCSEIFGGLDICAVEALHGKDGRDHIIEVVGSSMPLIGDHQDEDKQLIVELVVNKMAQALPR
;
_entity_poly.pdbx_strand_id   A,B
#
loop_
_chem_comp.id
_chem_comp.type
_chem_comp.name
_chem_comp.formula
AGS non-polymer 'PHOSPHOTHIOPHOSPHORIC ACID-ADENYLATE ESTER' 'C10 H16 N5 O12 P3 S'
CA non-polymer 'CALCIUM ION' 'Ca 2'
#
# COMPACT_ATOMS: atom_id res chain seq x y z
N ALA A 3 11.86 36.33 -11.06
CA ALA A 3 10.71 36.62 -10.16
C ALA A 3 10.90 35.62 -9.05
N ALA A 4 10.46 35.92 -7.83
CA ALA A 4 10.64 35.01 -6.69
C ALA A 4 9.42 34.20 -6.20
N ARG A 5 9.70 33.30 -5.26
CA ARG A 5 8.70 32.42 -4.69
C ARG A 5 8.65 32.56 -3.20
N VAL A 6 7.49 32.93 -2.69
CA VAL A 6 7.28 33.08 -1.27
C VAL A 6 6.87 31.74 -0.66
N LEU A 7 7.51 31.39 0.45
CA LEU A 7 7.23 30.17 1.17
C LEU A 7 6.84 30.57 2.58
N LEU A 8 5.62 30.28 2.98
CA LEU A 8 5.21 30.62 4.33
C LEU A 8 5.49 29.40 5.19
N VAL A 9 6.22 29.58 6.27
CA VAL A 9 6.52 28.48 7.19
C VAL A 9 5.78 28.78 8.47
N ILE A 10 4.84 27.92 8.82
CA ILE A 10 4.09 28.13 10.03
C ILE A 10 4.77 27.39 11.14
N ASP A 11 5.66 28.09 11.83
CA ASP A 11 6.38 27.50 12.94
C ASP A 11 6.66 28.57 13.99
N GLU A 12 6.86 28.12 15.23
CA GLU A 12 7.20 29.03 16.31
C GLU A 12 8.50 29.70 15.88
N PRO A 13 8.67 30.98 16.25
CA PRO A 13 9.85 31.78 15.93
C PRO A 13 11.19 31.07 16.09
N HIS A 14 11.25 30.16 17.05
CA HIS A 14 12.45 29.41 17.38
C HIS A 14 13.41 28.84 16.32
N THR A 15 12.90 28.43 15.16
CA THR A 15 13.77 27.87 14.13
C THR A 15 13.87 28.87 12.98
N ASP A 16 15.07 29.41 12.75
CA ASP A 16 15.27 30.41 11.70
C ASP A 16 15.24 29.75 10.32
N TRP A 17 14.05 29.53 9.78
CA TRP A 17 13.96 28.85 8.49
C TRP A 17 14.59 29.63 7.35
N ALA A 18 14.49 30.96 7.35
CA ALA A 18 15.08 31.78 6.29
C ALA A 18 16.55 31.44 6.09
N LYS A 19 17.22 31.11 7.19
CA LYS A 19 18.63 30.74 7.17
C LYS A 19 18.85 29.47 6.36
N TYR A 20 18.07 28.44 6.66
CA TYR A 20 18.22 27.16 5.96
C TYR A 20 17.86 27.17 4.47
N PHE A 21 16.93 28.06 4.10
CA PHE A 21 16.52 28.18 2.71
C PHE A 21 17.42 29.22 2.02
N LYS A 22 18.36 29.80 2.76
CA LYS A 22 19.25 30.82 2.19
C LYS A 22 20.02 30.23 1.03
N GLY A 23 19.94 30.91 -0.12
CA GLY A 23 20.65 30.49 -1.31
C GLY A 23 20.02 29.42 -2.17
N LYS A 24 19.07 28.66 -1.63
CA LYS A 24 18.42 27.61 -2.44
C LYS A 24 17.58 28.24 -3.52
N LYS A 25 17.84 27.86 -4.76
CA LYS A 25 17.10 28.41 -5.87
C LYS A 25 16.32 27.35 -6.64
N ILE A 26 15.05 27.63 -6.86
CA ILE A 26 14.19 26.71 -7.59
C ILE A 26 14.65 26.65 -9.04
N HIS A 27 14.90 25.45 -9.55
CA HIS A 27 15.37 25.24 -10.93
C HIS A 27 16.74 25.90 -11.10
N GLY A 28 17.44 26.04 -9.98
CA GLY A 28 18.74 26.67 -9.98
C GLY A 28 18.69 28.15 -10.30
N GLU A 29 17.50 28.74 -10.48
CA GLU A 29 17.44 30.16 -10.77
C GLU A 29 16.45 31.03 -10.02
N ILE A 30 15.23 30.54 -9.80
CA ILE A 30 14.25 31.33 -9.07
C ILE A 30 14.57 31.31 -7.58
N ASP A 31 14.27 32.38 -6.89
CA ASP A 31 14.57 32.43 -5.46
C ASP A 31 13.36 32.22 -4.57
N ILE A 32 13.64 31.94 -3.30
CA ILE A 32 12.60 31.71 -2.31
C ILE A 32 12.62 32.71 -1.15
N LYS A 33 11.63 33.59 -1.11
CA LYS A 33 11.50 34.52 0.00
C LYS A 33 10.84 33.69 1.11
N VAL A 34 11.48 33.56 2.24
CA VAL A 34 10.91 32.79 3.33
C VAL A 34 10.19 33.67 4.36
N GLU A 35 8.86 33.55 4.38
CA GLU A 35 8.05 34.26 5.33
C GLU A 35 7.70 33.23 6.41
N GLN A 36 7.81 33.61 7.68
CA GLN A 36 7.56 32.69 8.79
C GLN A 36 6.74 33.32 9.92
N ALA A 37 5.73 32.60 10.38
CA ALA A 37 4.88 33.09 11.45
C ALA A 37 4.23 31.92 12.14
N GLU A 38 3.59 32.18 13.27
CA GLU A 38 2.90 31.12 13.98
C GLU A 38 1.45 31.20 13.51
N PHE A 39 0.68 30.15 13.74
CA PHE A 39 -0.71 30.14 13.34
C PHE A 39 -1.46 31.36 13.88
N SER A 40 -1.24 31.65 15.17
CA SER A 40 -1.90 32.77 15.88
C SER A 40 -1.78 34.13 15.24
N ASP A 41 -0.65 34.37 14.59
CA ASP A 41 -0.38 35.65 13.94
C ASP A 41 -0.81 35.64 12.48
N LEU A 42 -1.74 34.78 12.08
CA LEU A 42 -2.14 34.72 10.67
C LEU A 42 -3.62 34.67 10.44
N ASN A 43 -4.06 35.17 9.30
CA ASN A 43 -5.48 35.13 8.92
C ASN A 43 -5.49 35.18 7.41
N LEU A 44 -6.65 35.06 6.77
CA LEU A 44 -6.67 35.07 5.32
C LEU A 44 -8.08 35.17 4.74
N VAL A 45 -8.11 35.52 3.46
CA VAL A 45 -9.36 35.57 2.73
C VAL A 45 -8.99 34.78 1.49
N ALA A 46 -9.88 33.88 1.07
CA ALA A 46 -9.65 33.08 -0.13
C ALA A 46 -10.90 33.19 -0.99
N HIS A 47 -10.71 33.32 -2.31
CA HIS A 47 -11.84 33.44 -3.23
C HIS A 47 -11.79 32.22 -4.17
N ALA A 48 -12.96 31.73 -4.59
CA ALA A 48 -13.06 30.57 -5.47
C ALA A 48 -12.54 30.84 -6.87
N ASN A 49 -12.49 32.12 -7.25
CA ASN A 49 -12.00 32.52 -8.56
C ASN A 49 -10.48 32.48 -8.59
N GLY A 50 -9.88 32.22 -7.44
CA GLY A 50 -8.43 32.16 -7.40
C GLY A 50 -7.74 33.16 -6.48
N GLY A 51 -8.20 34.42 -6.47
CA GLY A 51 -7.58 35.44 -5.63
C GLY A 51 -7.52 35.11 -4.14
N PHE A 52 -6.53 35.63 -3.43
CA PHE A 52 -6.43 35.40 -2.00
C PHE A 52 -5.41 36.33 -1.37
N SER A 53 -5.39 36.35 -0.04
CA SER A 53 -4.48 37.20 0.69
C SER A 53 -4.37 36.62 2.08
N VAL A 54 -3.14 36.36 2.49
CA VAL A 54 -2.86 35.85 3.82
C VAL A 54 -2.40 37.07 4.60
N ASP A 55 -2.71 37.14 5.90
CA ASP A 55 -2.36 38.28 6.73
C ASP A 55 -1.51 37.85 7.91
N MET A 56 -0.38 38.54 8.07
CA MET A 56 0.61 38.26 9.10
C MET A 56 0.70 39.28 10.24
N GLU A 57 0.83 38.74 11.45
CA GLU A 57 0.95 39.46 12.72
C GLU A 57 -0.27 39.94 13.44
N VAL A 58 -1.22 39.05 13.74
CA VAL A 58 -2.40 39.49 14.49
C VAL A 58 -1.89 40.20 15.76
N LEU A 59 -0.76 39.72 16.28
CA LEU A 59 -0.12 40.27 17.47
C LEU A 59 1.35 39.81 17.52
N ARG A 60 2.29 40.75 17.33
CA ARG A 60 3.72 40.47 17.31
C ARG A 60 4.49 41.76 17.25
N ASN A 61 5.82 41.69 17.35
CA ASN A 61 6.71 42.87 17.25
C ASN A 61 6.31 43.99 16.32
N GLY A 62 7.12 44.28 15.31
CA GLY A 62 6.89 45.36 14.32
C GLY A 62 5.64 46.20 14.48
N VAL A 63 5.39 46.65 15.71
CA VAL A 63 4.20 47.43 16.07
C VAL A 63 2.96 46.82 15.40
N LYS A 64 2.88 45.49 15.42
CA LYS A 64 1.79 44.74 14.82
C LYS A 64 1.55 45.12 13.36
N VAL A 65 0.68 46.12 13.14
CA VAL A 65 0.33 46.61 11.82
C VAL A 65 -0.41 45.61 10.93
N VAL A 66 0.16 44.42 10.78
CA VAL A 66 -0.38 43.31 9.98
C VAL A 66 -0.08 43.47 8.50
N ARG A 67 0.82 42.64 7.98
CA ARG A 67 1.15 42.70 6.56
C ARG A 67 0.66 41.45 5.87
N SER A 68 0.09 41.63 4.69
CA SER A 68 -0.38 40.50 3.91
C SER A 68 0.68 40.10 2.92
N LEU A 69 0.68 38.82 2.59
CA LEU A 69 1.60 38.24 1.63
C LEU A 69 0.81 37.25 0.80
N LYS A 70 1.51 36.64 -0.15
CA LYS A 70 0.88 35.63 -0.99
C LYS A 70 1.80 34.44 -1.12
N PRO A 71 1.62 33.45 -0.24
CA PRO A 71 2.45 32.24 -0.25
C PRO A 71 2.23 31.48 -1.54
N ASP A 72 3.28 30.86 -2.02
CA ASP A 72 3.22 30.03 -3.22
C ASP A 72 3.25 28.60 -2.72
N PHE A 73 3.67 28.45 -1.46
CA PHE A 73 3.79 27.17 -0.81
C PHE A 73 3.79 27.42 0.69
N VAL A 74 3.39 26.40 1.44
CA VAL A 74 3.36 26.48 2.90
C VAL A 74 4.00 25.24 3.51
N LEU A 75 4.71 25.45 4.61
CA LEU A 75 5.36 24.38 5.34
C LEU A 75 4.78 24.54 6.75
N ILE A 76 3.95 23.59 7.13
CA ILE A 76 3.31 23.63 8.42
C ILE A 76 4.06 22.78 9.42
N ARG A 77 4.78 23.43 10.31
CA ARG A 77 5.55 22.77 11.36
C ARG A 77 4.88 22.88 12.73
N GLN A 78 3.62 23.33 12.75
CA GLN A 78 2.86 23.56 13.99
C GLN A 78 1.51 22.80 13.98
N HIS A 79 1.03 22.35 15.15
CA HIS A 79 -0.27 21.64 15.20
C HIS A 79 -1.38 22.61 14.87
N ALA A 80 -2.47 22.11 14.29
CA ALA A 80 -3.59 22.98 13.92
C ALA A 80 -4.73 22.97 14.94
N PHE A 81 -4.76 21.99 15.82
CA PHE A 81 -5.83 21.95 16.79
C PHE A 81 -5.28 21.62 18.16
N SER A 82 -5.90 22.22 19.17
CA SER A 82 -5.53 22.02 20.56
C SER A 82 -6.75 22.52 21.32
N MET A 83 -7.33 21.65 22.14
CA MET A 83 -8.52 22.01 22.89
C MET A 83 -8.31 23.14 23.88
N ALA A 84 -7.05 23.52 24.09
CA ALA A 84 -6.73 24.63 24.98
C ALA A 84 -7.20 25.91 24.31
N ARG A 85 -7.54 26.91 25.11
CA ARG A 85 -8.02 28.19 24.61
C ARG A 85 -7.17 28.79 23.48
N ASN A 86 -7.85 29.27 22.45
CA ASN A 86 -7.22 29.89 21.28
C ASN A 86 -6.52 28.93 20.32
N GLY A 87 -6.39 27.66 20.71
CA GLY A 87 -5.72 26.69 19.86
C GLY A 87 -6.57 26.08 18.78
N ASP A 88 -7.28 26.91 18.02
CA ASP A 88 -8.14 26.41 16.93
C ASP A 88 -7.92 27.11 15.59
N TYR A 89 -6.96 26.56 14.83
CA TYR A 89 -6.58 27.13 13.56
C TYR A 89 -7.06 26.29 12.39
N ARG A 90 -7.96 25.38 12.70
CA ARG A 90 -8.51 24.50 11.67
C ARG A 90 -9.07 25.29 10.50
N SER A 91 -9.70 26.44 10.79
CA SER A 91 -10.32 27.29 9.77
C SER A 91 -9.24 27.93 8.88
N LEU A 92 -8.02 28.03 9.41
CA LEU A 92 -6.90 28.57 8.64
C LEU A 92 -6.45 27.51 7.64
N VAL A 93 -6.41 26.27 8.08
CA VAL A 93 -6.03 25.18 7.20
C VAL A 93 -7.04 25.13 6.04
N ILE A 94 -8.33 25.12 6.39
CA ILE A 94 -9.41 25.10 5.42
C ILE A 94 -9.20 26.27 4.45
N GLY A 95 -8.85 27.43 5.00
CA GLY A 95 -8.62 28.62 4.20
C GLY A 95 -7.50 28.44 3.21
N LEU A 96 -6.41 27.83 3.65
CA LEU A 96 -5.28 27.61 2.77
C LEU A 96 -5.64 26.64 1.66
N GLN A 97 -6.44 25.64 2.02
CA GLN A 97 -6.86 24.64 1.07
C GLN A 97 -7.79 25.32 0.07
N TYR A 98 -8.63 26.20 0.60
CA TYR A 98 -9.59 26.93 -0.20
C TYR A 98 -8.81 27.82 -1.17
N ALA A 99 -7.67 28.33 -0.73
CA ALA A 99 -6.85 29.20 -1.55
C ALA A 99 -6.02 28.39 -2.57
N GLY A 100 -5.94 27.08 -2.36
CA GLY A 100 -5.20 26.23 -3.29
C GLY A 100 -3.69 26.26 -3.17
N ILE A 101 -3.20 26.63 -1.99
CA ILE A 101 -1.76 26.72 -1.76
C ILE A 101 -1.16 25.35 -1.46
N PRO A 102 -0.12 24.95 -2.23
CA PRO A 102 0.53 23.65 -2.02
C PRO A 102 1.14 23.62 -0.61
N SER A 103 1.18 22.45 0.01
CA SER A 103 1.69 22.39 1.36
C SER A 103 2.42 21.11 1.70
N ILE A 104 3.23 21.20 2.76
CA ILE A 104 3.96 20.07 3.33
C ILE A 104 3.81 20.19 4.85
N ASN A 105 3.11 19.25 5.47
CA ASN A 105 2.51 18.14 4.73
C ASN A 105 1.30 18.69 4.03
N SER A 106 0.67 17.85 3.23
CA SER A 106 -0.51 18.25 2.49
C SER A 106 -1.52 18.82 3.47
N LEU A 107 -2.31 19.78 3.02
CA LEU A 107 -3.31 20.42 3.87
C LEU A 107 -4.34 19.38 4.24
N HIS A 108 -4.56 18.43 3.35
CA HIS A 108 -5.53 17.38 3.62
C HIS A 108 -5.12 16.61 4.88
N SER A 109 -3.86 16.18 4.93
CA SER A 109 -3.36 15.43 6.08
C SER A 109 -3.38 16.30 7.34
N VAL A 110 -2.93 17.54 7.21
CA VAL A 110 -2.92 18.47 8.33
C VAL A 110 -4.33 18.61 8.91
N TYR A 111 -5.33 18.67 8.05
CA TYR A 111 -6.70 18.79 8.52
C TYR A 111 -7.16 17.50 9.19
N ASN A 112 -6.83 16.37 8.61
CA ASN A 112 -7.27 15.11 9.20
C ASN A 112 -6.48 14.74 10.45
N PHE A 113 -5.40 15.46 10.71
CA PHE A 113 -4.59 15.21 11.89
C PHE A 113 -5.16 15.96 13.11
N CYS A 114 -6.23 16.72 12.90
CA CYS A 114 -6.81 17.50 13.99
C CYS A 114 -7.50 16.73 15.08
N ASP A 115 -7.71 15.43 14.86
CA ASP A 115 -8.33 14.58 15.88
C ASP A 115 -7.44 13.36 16.02
N LYS A 116 -6.71 13.28 17.14
CA LYS A 116 -5.79 12.17 17.36
C LYS A 116 -6.36 10.78 17.17
N PRO A 117 -7.55 10.49 17.74
CA PRO A 117 -8.16 9.16 17.59
C PRO A 117 -8.57 8.91 16.13
N TRP A 118 -8.74 9.98 15.36
CA TRP A 118 -9.08 9.85 13.96
C TRP A 118 -7.81 9.36 13.26
N VAL A 119 -6.68 9.86 13.70
CA VAL A 119 -5.40 9.45 13.13
C VAL A 119 -5.12 8.01 13.57
N PHE A 120 -5.37 7.74 14.84
CA PHE A 120 -5.16 6.42 15.41
C PHE A 120 -6.05 5.39 14.72
N ALA A 121 -7.25 5.82 14.32
CA ALA A 121 -8.19 4.93 13.63
C ALA A 121 -7.54 4.37 12.35
N GLN A 122 -6.64 5.16 11.73
CA GLN A 122 -5.95 4.71 10.51
C GLN A 122 -4.99 3.60 10.87
N MET A 123 -4.32 3.77 12.01
CA MET A 123 -3.38 2.79 12.50
C MET A 123 -4.10 1.53 12.90
N VAL A 124 -5.35 1.67 13.30
CA VAL A 124 -6.13 0.51 13.68
C VAL A 124 -6.40 -0.30 12.42
N ARG A 125 -6.70 0.37 11.32
CA ARG A 125 -6.96 -0.36 10.08
C ARG A 125 -5.71 -1.13 9.63
N LEU A 126 -4.56 -0.48 9.73
CA LEU A 126 -3.32 -1.07 9.33
C LEU A 126 -2.97 -2.24 10.22
N HIS A 127 -3.25 -2.09 11.51
CA HIS A 127 -2.98 -3.15 12.50
C HIS A 127 -3.89 -4.35 12.23
N LYS A 128 -5.09 -4.05 11.76
CA LYS A 128 -6.08 -5.05 11.44
C LYS A 128 -5.56 -5.88 10.27
N LYS A 129 -5.07 -5.18 9.25
CA LYS A 129 -4.55 -5.79 8.04
C LYS A 129 -3.28 -6.59 8.31
N LEU A 130 -2.33 -5.96 8.98
CA LEU A 130 -1.04 -6.55 9.24
C LEU A 130 -0.89 -7.57 10.38
N GLY A 131 -1.54 -7.33 11.50
CA GLY A 131 -1.43 -8.25 12.63
C GLY A 131 -0.39 -7.76 13.62
N THR A 132 -0.47 -8.25 14.86
CA THR A 132 0.46 -7.83 15.91
C THR A 132 1.94 -8.17 15.62
N GLU A 133 2.17 -9.23 14.85
CA GLU A 133 3.54 -9.65 14.55
C GLU A 133 4.24 -8.66 13.62
N GLU A 134 3.45 -7.94 12.83
CA GLU A 134 4.01 -6.96 11.92
C GLU A 134 3.84 -5.52 12.44
N PHE A 135 2.72 -5.26 13.11
CA PHE A 135 2.40 -3.92 13.59
C PHE A 135 1.78 -4.02 14.99
N PRO A 136 2.63 -4.00 16.04
CA PRO A 136 2.18 -4.09 17.44
C PRO A 136 1.62 -2.79 17.99
N LEU A 137 0.40 -2.48 17.56
CA LEU A 137 -0.30 -1.27 17.97
C LEU A 137 -0.91 -1.47 19.34
N ILE A 138 -0.59 -0.60 20.30
CA ILE A 138 -1.14 -0.71 21.64
C ILE A 138 -2.67 -0.86 21.58
N ASN A 139 -3.26 -1.61 22.50
CA ASN A 139 -4.70 -1.78 22.45
C ASN A 139 -5.44 -0.65 23.16
N GLN A 140 -5.64 0.44 22.43
CA GLN A 140 -6.31 1.60 22.96
C GLN A 140 -7.84 1.48 22.85
N THR A 141 -8.56 2.23 23.68
CA THR A 141 -10.02 2.19 23.65
C THR A 141 -10.48 3.63 23.50
N PHE A 142 -11.39 3.83 22.56
CA PHE A 142 -11.93 5.14 22.28
C PHE A 142 -13.35 5.31 22.85
N TYR A 143 -13.57 6.43 23.53
CA TYR A 143 -14.88 6.72 24.10
C TYR A 143 -15.30 8.05 23.50
N PRO A 144 -16.37 8.06 22.69
CA PRO A 144 -16.94 9.24 22.02
C PRO A 144 -17.16 10.31 23.06
N ASN A 145 -17.52 9.84 24.25
CA ASN A 145 -17.76 10.64 25.45
C ASN A 145 -17.81 9.69 26.67
N HIS A 146 -17.41 10.23 27.81
CA HIS A 146 -17.34 9.51 29.09
C HIS A 146 -18.51 8.63 29.53
N LYS A 147 -19.63 8.63 28.81
CA LYS A 147 -20.76 7.85 29.26
C LYS A 147 -20.58 6.36 29.62
N GLU A 148 -20.06 5.53 28.72
CA GLU A 148 -19.90 4.11 29.08
C GLU A 148 -18.50 3.90 29.59
N MET A 149 -17.80 5.00 29.79
CA MET A 149 -16.45 4.96 30.30
C MET A 149 -16.56 4.48 31.75
N LEU A 150 -16.65 3.16 31.96
CA LEU A 150 -16.79 2.59 33.30
C LEU A 150 -15.55 1.96 33.97
N SER A 151 -14.81 1.12 33.26
CA SER A 151 -13.62 0.48 33.86
C SER A 151 -12.43 0.35 32.90
N SER A 152 -11.48 -0.50 33.28
CA SER A 152 -10.29 -0.78 32.48
C SER A 152 -9.92 -2.22 32.84
N THR A 153 -9.74 -3.08 31.82
CA THR A 153 -9.39 -4.50 32.05
C THR A 153 -8.13 -4.71 32.90
N THR A 154 -7.20 -3.77 32.77
CA THR A 154 -5.96 -3.79 33.52
C THR A 154 -5.56 -2.36 33.84
N TYR A 155 -5.17 -2.17 35.08
CA TYR A 155 -4.67 -0.92 35.58
C TYR A 155 -3.22 -1.21 35.85
N PRO A 156 -2.36 -0.20 35.83
CA PRO A 156 -2.78 1.17 35.56
C PRO A 156 -3.18 1.34 34.07
N VAL A 157 -3.85 2.45 33.78
CA VAL A 157 -4.34 2.76 32.44
C VAL A 157 -3.95 4.21 32.18
N VAL A 158 -3.78 4.59 30.91
CA VAL A 158 -3.42 5.97 30.59
C VAL A 158 -4.59 6.58 29.84
N VAL A 159 -5.19 7.60 30.46
CA VAL A 159 -6.31 8.32 29.91
C VAL A 159 -5.83 9.56 29.17
N LYS A 160 -6.12 9.60 27.87
CA LYS A 160 -5.74 10.74 27.06
C LYS A 160 -7.02 11.46 26.69
N MET A 161 -7.15 12.70 27.17
CA MET A 161 -8.34 13.47 26.94
C MET A 161 -8.28 14.42 25.76
N GLY A 162 -9.43 14.56 25.08
CA GLY A 162 -9.56 15.43 23.93
C GLY A 162 -8.40 15.31 22.96
N HIS A 163 -8.12 16.41 22.27
CA HIS A 163 -7.03 16.48 21.29
C HIS A 163 -5.87 17.21 22.01
N ALA A 164 -5.11 16.46 22.79
CA ALA A 164 -4.03 17.05 23.52
C ALA A 164 -2.68 16.61 23.00
N HIS A 165 -1.66 17.31 23.48
CA HIS A 165 -0.27 17.03 23.11
C HIS A 165 0.67 17.76 24.06
N SER A 166 1.90 17.25 24.13
CA SER A 166 2.94 17.76 25.01
C SER A 166 2.66 17.36 26.47
N GLY A 167 2.55 16.04 26.72
CA GLY A 167 2.29 15.53 28.07
C GLY A 167 1.03 16.08 28.75
N MET A 168 0.21 16.80 27.97
CA MET A 168 -1.03 17.43 28.45
C MET A 168 -2.28 16.66 28.03
N GLY A 169 -3.23 16.51 28.94
CA GLY A 169 -4.43 15.75 28.64
C GLY A 169 -4.20 14.30 29.02
N LYS A 170 -2.95 13.99 29.38
CA LYS A 170 -2.53 12.65 29.79
C LYS A 170 -2.61 12.57 31.30
N VAL A 171 -3.16 11.47 31.76
CA VAL A 171 -3.33 11.19 33.17
C VAL A 171 -3.21 9.70 33.35
N LYS A 172 -2.33 9.30 34.26
CA LYS A 172 -2.14 7.87 34.56
C LYS A 172 -3.03 7.48 35.74
N VAL A 173 -3.97 6.58 35.48
CA VAL A 173 -4.91 6.13 36.50
C VAL A 173 -4.50 4.75 37.05
N ASP A 174 -4.48 4.60 38.38
CA ASP A 174 -4.08 3.33 38.97
C ASP A 174 -5.14 2.34 39.46
N ASN A 175 -6.38 2.80 39.65
CA ASN A 175 -7.44 1.91 40.14
C ASN A 175 -8.82 2.41 39.73
N GLN A 176 -9.81 1.53 39.91
CA GLN A 176 -11.20 1.81 39.55
C GLN A 176 -11.77 3.13 40.05
N HIS A 177 -11.64 3.37 41.35
CA HIS A 177 -12.20 4.58 41.98
C HIS A 177 -11.59 5.85 41.39
N ASP A 178 -10.31 5.78 41.03
CA ASP A 178 -9.62 6.92 40.45
C ASP A 178 -10.04 7.11 38.99
N PHE A 179 -10.45 6.03 38.36
CA PHE A 179 -10.89 6.05 36.97
C PHE A 179 -12.21 6.84 36.92
N GLN A 180 -13.14 6.48 37.80
CA GLN A 180 -14.45 7.11 37.85
C GLN A 180 -14.40 8.61 38.06
N ASP A 181 -13.36 9.07 38.74
CA ASP A 181 -13.19 10.49 38.97
C ASP A 181 -12.73 11.17 37.70
N ILE A 182 -11.78 10.52 37.01
CA ILE A 182 -11.25 11.07 35.76
C ILE A 182 -12.34 11.01 34.72
N ALA A 183 -13.21 10.03 34.83
CA ALA A 183 -14.31 9.90 33.89
C ALA A 183 -15.25 11.09 34.05
N SER A 184 -15.46 11.50 35.30
CA SER A 184 -16.33 12.63 35.61
C SER A 184 -15.66 13.91 35.11
N VAL A 185 -14.34 13.92 35.07
CA VAL A 185 -13.61 15.08 34.57
C VAL A 185 -13.73 15.12 33.05
N VAL A 186 -13.83 13.94 32.43
CA VAL A 186 -13.97 13.85 30.98
C VAL A 186 -15.35 14.39 30.60
N ALA A 187 -16.30 14.26 31.53
CA ALA A 187 -17.66 14.76 31.34
C ALA A 187 -17.60 16.28 31.14
N LEU A 188 -16.86 16.92 32.04
CA LEU A 188 -16.71 18.37 32.04
C LEU A 188 -15.93 18.88 30.85
N THR A 189 -15.15 18.01 30.21
CA THR A 189 -14.40 18.43 29.04
C THR A 189 -15.35 18.49 27.81
N LYS A 190 -16.51 17.82 27.92
CA LYS A 190 -17.54 17.78 26.86
C LYS A 190 -16.91 17.34 25.53
N THR A 191 -16.11 16.28 25.60
CA THR A 191 -15.43 15.75 24.42
C THR A 191 -15.03 14.27 24.64
N TYR A 192 -14.41 13.69 23.62
CA TYR A 192 -13.96 12.29 23.66
C TYR A 192 -12.64 12.08 24.44
N ALA A 193 -12.36 10.81 24.71
CA ALA A 193 -11.15 10.40 25.43
C ALA A 193 -10.81 8.98 25.01
N THR A 194 -9.59 8.56 25.30
CA THR A 194 -9.12 7.20 25.02
C THR A 194 -8.40 6.73 26.26
N THR A 195 -8.40 5.42 26.45
CA THR A 195 -7.69 4.80 27.55
C THR A 195 -6.89 3.69 26.92
N GLU A 196 -5.73 3.43 27.46
CA GLU A 196 -4.89 2.38 26.94
C GLU A 196 -4.11 1.77 28.12
N PRO A 197 -3.74 0.49 28.03
CA PRO A 197 -3.01 -0.13 29.13
C PRO A 197 -1.73 0.67 29.39
N PHE A 198 -1.41 0.91 30.65
CA PHE A 198 -0.18 1.62 30.91
C PHE A 198 0.93 0.61 30.63
N ILE A 199 2.11 1.08 30.22
CA ILE A 199 3.21 0.17 29.88
C ILE A 199 4.46 0.34 30.73
N ASP A 200 4.98 -0.77 31.29
CA ASP A 200 6.22 -0.69 32.09
C ASP A 200 7.32 -0.78 31.05
N ALA A 201 7.71 0.37 30.55
CA ALA A 201 8.70 0.49 29.48
C ALA A 201 10.18 0.41 29.81
N LYS A 202 10.88 -0.46 29.07
CA LYS A 202 12.32 -0.58 29.19
C LYS A 202 12.90 0.62 28.43
N TYR A 203 12.23 1.02 27.35
CA TYR A 203 12.62 2.18 26.52
C TYR A 203 11.54 2.49 25.47
N ASP A 204 11.72 3.61 24.77
CA ASP A 204 10.79 3.97 23.69
C ASP A 204 11.55 4.38 22.45
N VAL A 205 10.92 4.17 21.31
CA VAL A 205 11.52 4.48 20.04
C VAL A 205 10.64 5.43 19.24
N ARG A 206 11.26 6.14 18.32
CA ARG A 206 10.54 6.99 17.41
C ARG A 206 11.22 6.79 16.07
N ILE A 207 10.47 6.18 15.14
CA ILE A 207 10.99 5.95 13.80
C ILE A 207 10.42 7.05 12.92
N GLN A 208 11.33 7.90 12.44
CA GLN A 208 10.94 9.02 11.59
C GLN A 208 11.27 8.79 10.12
N LYS A 209 10.55 9.52 9.27
CA LYS A 209 10.73 9.44 7.84
C LYS A 209 10.47 10.82 7.29
N ILE A 210 11.49 11.39 6.67
CA ILE A 210 11.41 12.71 6.03
C ILE A 210 11.79 12.47 4.57
N GLY A 211 10.80 12.48 3.67
CA GLY A 211 11.07 12.19 2.27
C GLY A 211 11.46 10.71 2.22
N GLN A 212 12.65 10.40 1.69
CA GLN A 212 13.13 9.01 1.66
C GLN A 212 14.15 8.73 2.75
N ASN A 213 14.22 9.60 3.77
CA ASN A 213 15.18 9.44 4.85
C ASN A 213 14.52 8.88 6.11
N TYR A 214 15.13 7.86 6.68
CA TYR A 214 14.63 7.20 7.87
C TYR A 214 15.66 7.32 9.00
N LYS A 215 15.21 7.61 10.22
CA LYS A 215 16.07 7.70 11.41
C LYS A 215 15.31 7.08 12.55
N ALA A 216 16.02 6.34 13.39
CA ALA A 216 15.43 5.70 14.55
C ALA A 216 16.21 6.20 15.74
N TYR A 217 15.47 6.71 16.72
CA TYR A 217 16.08 7.18 17.96
C TYR A 217 15.45 6.42 19.10
N MET A 218 16.22 6.32 20.16
CA MET A 218 15.74 5.67 21.33
C MET A 218 15.96 6.62 22.47
N ARG A 219 14.91 6.81 23.24
CA ARG A 219 14.95 7.70 24.36
C ARG A 219 14.66 6.92 25.62
N THR A 220 15.33 7.30 26.69
CA THR A 220 15.08 6.66 27.96
C THR A 220 15.34 7.69 29.06
N LEU A 235 18.91 10.37 24.45
CA LEU A 235 18.42 10.17 23.05
C LEU A 235 19.47 9.55 22.15
N GLU A 236 19.48 8.23 22.15
CA GLU A 236 20.42 7.48 21.36
C GLU A 236 19.87 7.03 20.02
N GLN A 237 20.53 7.46 18.96
CA GLN A 237 20.14 7.08 17.62
C GLN A 237 20.53 5.63 17.46
N ILE A 238 19.55 4.80 17.13
CA ILE A 238 19.78 3.37 16.92
C ILE A 238 19.59 3.04 15.43
N ALA A 239 19.91 1.82 15.03
CA ALA A 239 19.76 1.46 13.64
C ALA A 239 18.33 1.05 13.24
N MET A 240 17.98 1.32 11.99
CA MET A 240 16.69 0.98 11.39
C MET A 240 16.63 -0.52 11.08
N SER A 241 15.44 -1.10 11.12
CA SER A 241 15.27 -2.52 10.83
C SER A 241 14.18 -2.55 9.79
N ASP A 242 13.99 -3.70 9.17
CA ASP A 242 12.94 -3.78 8.17
C ASP A 242 11.61 -3.64 8.90
N ARG A 243 11.60 -4.11 10.14
CA ARG A 243 10.42 -4.04 10.98
C ARG A 243 10.03 -2.57 11.28
N TYR A 244 11.02 -1.76 11.65
CA TYR A 244 10.85 -0.34 11.96
C TYR A 244 10.38 0.42 10.73
N LYS A 245 11.04 0.13 9.62
CA LYS A 245 10.79 0.73 8.34
C LYS A 245 9.38 0.39 7.90
N LEU A 246 8.91 -0.80 8.25
CA LEU A 246 7.56 -1.18 7.87
C LEU A 246 6.59 -0.28 8.60
N TRP A 247 6.83 -0.09 9.89
CA TRP A 247 5.96 0.74 10.70
C TRP A 247 5.76 2.12 10.13
N VAL A 248 6.87 2.78 9.84
CA VAL A 248 6.84 4.15 9.32
C VAL A 248 6.33 4.28 7.87
N ASP A 249 6.70 3.35 6.99
CA ASP A 249 6.24 3.41 5.60
C ASP A 249 4.71 3.29 5.60
N THR A 250 4.23 2.33 6.38
CA THR A 250 2.82 2.03 6.55
C THR A 250 2.09 3.29 6.97
N CYS A 251 2.58 3.93 8.01
CA CYS A 251 1.97 5.15 8.49
C CYS A 251 2.16 6.31 7.55
N SER A 252 3.22 6.31 6.75
CA SER A 252 3.46 7.41 5.81
C SER A 252 2.50 7.46 4.64
N GLU A 253 1.67 6.43 4.50
CA GLU A 253 0.74 6.39 3.39
C GLU A 253 -0.67 6.90 3.74
N ILE A 254 -0.90 7.20 5.02
CA ILE A 254 -2.22 7.63 5.45
C ILE A 254 -2.57 9.03 4.95
N PHE A 255 -3.87 9.33 4.91
CA PHE A 255 -4.40 10.60 4.43
C PHE A 255 -3.73 11.01 3.14
N GLY A 256 -3.48 10.01 2.30
CA GLY A 256 -2.88 10.23 1.00
C GLY A 256 -1.38 10.42 1.00
N GLY A 257 -0.71 10.12 2.10
CA GLY A 257 0.73 10.29 2.10
C GLY A 257 1.22 11.41 2.98
N LEU A 258 2.22 11.12 3.80
CA LEU A 258 2.78 12.13 4.70
C LEU A 258 4.26 12.31 4.40
N ASP A 259 4.62 13.51 3.95
CA ASP A 259 5.99 13.81 3.61
C ASP A 259 6.96 13.78 4.81
N ILE A 260 6.46 14.17 5.98
CA ILE A 260 7.25 14.19 7.22
C ILE A 260 6.38 13.48 8.25
N CYS A 261 6.91 12.44 8.90
CA CYS A 261 6.16 11.72 9.92
C CYS A 261 7.05 10.82 10.78
N ALA A 262 6.50 10.35 11.89
CA ALA A 262 7.24 9.49 12.78
C ALA A 262 6.26 8.62 13.56
N VAL A 263 6.71 7.44 13.95
CA VAL A 263 5.88 6.49 14.71
C VAL A 263 6.55 6.27 16.05
N GLU A 264 5.82 6.57 17.12
CA GLU A 264 6.35 6.36 18.46
C GLU A 264 5.87 5.03 19.01
N ALA A 265 6.82 4.25 19.49
CA ALA A 265 6.49 2.96 20.09
C ALA A 265 7.23 2.80 21.41
N LEU A 266 6.62 2.08 22.32
CA LEU A 266 7.20 1.83 23.61
C LEU A 266 7.60 0.38 23.71
N HIS A 267 8.85 0.13 24.06
CA HIS A 267 9.32 -1.24 24.26
C HIS A 267 9.24 -1.53 25.75
N GLY A 268 8.30 -2.38 26.12
CA GLY A 268 8.15 -2.73 27.51
C GLY A 268 9.22 -3.69 27.98
N LYS A 269 9.47 -3.70 29.29
CA LYS A 269 10.48 -4.59 29.88
C LYS A 269 10.15 -6.03 29.49
N ASP A 270 8.87 -6.30 29.26
CA ASP A 270 8.42 -7.63 28.87
C ASP A 270 8.78 -8.00 27.43
N GLY A 271 9.52 -7.12 26.76
CA GLY A 271 9.92 -7.38 25.38
C GLY A 271 8.82 -7.32 24.33
N ARG A 272 7.69 -6.71 24.67
CA ARG A 272 6.61 -6.60 23.70
C ARG A 272 6.64 -5.13 23.26
N ASP A 273 6.41 -4.87 21.98
CA ASP A 273 6.40 -3.49 21.48
C ASP A 273 4.96 -3.07 21.36
N HIS A 274 4.73 -1.77 21.51
CA HIS A 274 3.39 -1.22 21.43
C HIS A 274 3.51 0.13 20.76
N ILE A 275 2.91 0.27 19.59
CA ILE A 275 2.94 1.52 18.85
C ILE A 275 1.85 2.39 19.49
N ILE A 276 2.22 3.60 19.90
CA ILE A 276 1.26 4.49 20.53
C ILE A 276 0.70 5.54 19.58
N GLU A 277 1.51 6.03 18.65
CA GLU A 277 1.00 7.02 17.71
C GLU A 277 1.90 7.38 16.53
N VAL A 278 1.32 8.17 15.63
CA VAL A 278 2.03 8.67 14.46
C VAL A 278 1.81 10.19 14.46
N VAL A 279 2.90 10.93 14.24
CA VAL A 279 2.88 12.39 14.22
C VAL A 279 3.19 12.90 12.82
N GLY A 280 2.60 14.03 12.44
CA GLY A 280 2.80 14.59 11.11
C GLY A 280 3.94 15.58 10.94
N SER A 281 3.72 16.60 10.11
CA SER A 281 4.73 17.63 9.83
C SER A 281 5.14 18.49 11.02
N SER A 282 4.39 18.38 12.11
CA SER A 282 4.70 19.13 13.32
C SER A 282 5.63 18.32 14.19
N MET A 283 6.01 17.13 13.73
CA MET A 283 6.88 16.26 14.51
C MET A 283 8.10 17.02 14.98
N PRO A 284 8.31 17.06 16.30
CA PRO A 284 9.47 17.77 16.82
C PRO A 284 10.76 17.14 16.30
N LEU A 285 11.71 17.97 15.88
CA LEU A 285 12.99 17.48 15.40
C LEU A 285 13.82 17.17 16.63
N ILE A 286 14.20 15.91 16.79
CA ILE A 286 14.99 15.53 17.95
C ILE A 286 16.36 14.99 17.56
N GLY A 287 17.11 14.61 18.59
CA GLY A 287 18.42 14.06 18.38
C GLY A 287 19.51 15.08 18.12
N ASP A 288 20.63 14.52 17.75
CA ASP A 288 21.86 15.24 17.50
C ASP A 288 21.75 15.82 16.10
N HIS A 289 21.21 14.99 15.21
CA HIS A 289 21.03 15.35 13.80
C HIS A 289 19.83 16.28 13.60
N GLN A 290 19.94 17.45 14.22
CA GLN A 290 18.92 18.49 14.21
C GLN A 290 18.96 19.24 12.90
N ASP A 291 20.08 19.90 12.67
CA ASP A 291 20.29 20.68 11.46
C ASP A 291 20.13 19.77 10.26
N GLU A 292 20.65 18.55 10.38
CA GLU A 292 20.59 17.56 9.32
C GLU A 292 19.16 17.35 8.78
N ASP A 293 18.20 17.11 9.69
CA ASP A 293 16.79 16.91 9.34
C ASP A 293 16.24 18.18 8.75
N LYS A 294 16.67 19.34 9.28
CA LYS A 294 16.22 20.62 8.78
C LYS A 294 16.67 20.82 7.35
N GLN A 295 17.81 20.25 7.00
CA GLN A 295 18.31 20.38 5.63
C GLN A 295 17.49 19.51 4.68
N LEU A 296 17.13 18.32 5.17
CA LEU A 296 16.33 17.37 4.42
C LEU A 296 14.96 17.94 4.13
N ILE A 297 14.41 18.60 5.13
CA ILE A 297 13.09 19.23 5.02
C ILE A 297 13.16 20.35 3.98
N VAL A 298 14.27 21.10 3.99
CA VAL A 298 14.48 22.20 3.06
C VAL A 298 14.54 21.68 1.63
N GLU A 299 15.31 20.61 1.42
CA GLU A 299 15.46 20.00 0.09
C GLU A 299 14.12 19.49 -0.47
N LEU A 300 13.32 18.93 0.43
CA LEU A 300 12.01 18.40 0.09
C LEU A 300 11.06 19.53 -0.29
N VAL A 301 11.05 20.60 0.51
CA VAL A 301 10.18 21.73 0.27
C VAL A 301 10.51 22.42 -1.03
N VAL A 302 11.81 22.62 -1.29
CA VAL A 302 12.28 23.31 -2.50
C VAL A 302 11.90 22.51 -3.72
N ASN A 303 11.97 21.19 -3.58
CA ASN A 303 11.64 20.33 -4.68
C ASN A 303 10.14 20.31 -5.01
N LYS A 304 9.30 20.36 -3.99
CA LYS A 304 7.87 20.38 -4.22
C LYS A 304 7.46 21.74 -4.81
N MET A 305 8.18 22.79 -4.39
CA MET A 305 7.94 24.14 -4.89
C MET A 305 8.30 24.22 -6.35
N ALA A 306 9.29 23.44 -6.77
CA ALA A 306 9.73 23.39 -8.15
C ALA A 306 8.69 22.67 -9.02
N GLN A 307 7.92 21.78 -8.41
CA GLN A 307 6.88 21.04 -9.10
C GLN A 307 5.53 21.68 -8.90
N ALA A 308 5.42 22.96 -9.23
CA ALA A 308 4.18 23.66 -9.08
C ALA A 308 4.09 24.56 -10.30
N ALA B 3 -33.48 -8.95 -20.15
CA ALA B 3 -33.22 -10.42 -20.19
C ALA B 3 -32.25 -10.78 -19.04
N ALA B 4 -31.39 -11.77 -19.26
CA ALA B 4 -30.41 -12.22 -18.27
C ALA B 4 -29.06 -11.49 -18.46
N ARG B 5 -28.03 -11.98 -17.80
CA ARG B 5 -26.68 -11.40 -17.88
C ARG B 5 -25.69 -12.46 -18.31
N VAL B 6 -24.98 -12.17 -19.39
CA VAL B 6 -24.02 -13.10 -19.94
C VAL B 6 -22.62 -12.93 -19.33
N LEU B 7 -22.06 -14.03 -18.87
CA LEU B 7 -20.73 -14.05 -18.29
C LEU B 7 -19.90 -14.99 -19.12
N LEU B 8 -18.83 -14.48 -19.72
CA LEU B 8 -17.97 -15.34 -20.51
C LEU B 8 -16.86 -15.78 -19.59
N VAL B 9 -16.66 -17.09 -19.47
CA VAL B 9 -15.58 -17.61 -18.65
C VAL B 9 -14.59 -18.24 -19.61
N ILE B 10 -13.40 -17.67 -19.66
CA ILE B 10 -12.34 -18.20 -20.51
C ILE B 10 -11.52 -19.24 -19.73
N ASP B 11 -11.96 -20.49 -19.82
CA ASP B 11 -11.28 -21.57 -19.15
C ASP B 11 -11.40 -22.84 -19.98
N GLU B 12 -10.51 -23.79 -19.75
CA GLU B 12 -10.57 -25.10 -20.41
C GLU B 12 -11.93 -25.67 -19.95
N PRO B 13 -12.57 -26.53 -20.78
CA PRO B 13 -13.87 -27.13 -20.45
C PRO B 13 -13.89 -28.07 -19.24
N HIS B 14 -12.70 -28.34 -18.71
CA HIS B 14 -12.53 -29.22 -17.56
C HIS B 14 -13.16 -28.78 -16.25
N THR B 15 -13.85 -27.64 -16.24
CA THR B 15 -14.51 -27.12 -15.05
C THR B 15 -15.82 -26.60 -15.55
N ASP B 16 -16.91 -27.17 -15.05
CA ASP B 16 -18.25 -26.76 -15.49
C ASP B 16 -18.73 -25.51 -14.75
N TRP B 17 -18.33 -24.33 -15.21
CA TRP B 17 -18.72 -23.10 -14.52
C TRP B 17 -20.22 -22.84 -14.46
N ALA B 18 -20.95 -23.19 -15.52
CA ALA B 18 -22.40 -22.96 -15.54
C ALA B 18 -23.06 -23.58 -14.32
N LYS B 19 -22.49 -24.71 -13.89
CA LYS B 19 -22.97 -25.44 -12.72
C LYS B 19 -22.85 -24.58 -11.47
N TYR B 20 -21.67 -24.03 -11.23
CA TYR B 20 -21.42 -23.21 -10.05
C TYR B 20 -22.21 -21.90 -9.98
N PHE B 21 -22.51 -21.34 -11.16
CA PHE B 21 -23.30 -20.10 -11.26
C PHE B 21 -24.80 -20.39 -11.32
N LYS B 22 -25.13 -21.67 -11.31
CA LYS B 22 -26.50 -22.12 -11.35
C LYS B 22 -27.28 -21.49 -10.21
N GLY B 23 -28.37 -20.82 -10.57
CA GLY B 23 -29.24 -20.20 -9.56
C GLY B 23 -28.81 -18.88 -8.96
N LYS B 24 -27.55 -18.51 -9.14
CA LYS B 24 -27.03 -17.25 -8.62
C LYS B 24 -27.71 -16.10 -9.38
N LYS B 25 -28.39 -15.21 -8.65
CA LYS B 25 -29.08 -14.09 -9.28
C LYS B 25 -28.54 -12.73 -8.83
N ILE B 26 -28.22 -11.89 -9.80
CA ILE B 26 -27.72 -10.54 -9.53
C ILE B 26 -28.84 -9.69 -8.89
N HIS B 27 -28.57 -9.11 -7.70
CA HIS B 27 -29.57 -8.30 -6.98
C HIS B 27 -30.71 -9.19 -6.57
N GLY B 28 -30.44 -10.49 -6.46
CA GLY B 28 -31.47 -11.45 -6.13
C GLY B 28 -32.55 -11.60 -7.20
N GLU B 29 -32.40 -10.96 -8.36
CA GLU B 29 -33.42 -11.02 -9.42
C GLU B 29 -32.94 -11.36 -10.85
N ILE B 30 -31.93 -10.65 -11.35
CA ILE B 30 -31.47 -10.92 -12.71
C ILE B 30 -30.65 -12.20 -12.80
N ASP B 31 -30.90 -12.93 -13.88
CA ASP B 31 -30.25 -14.21 -14.12
C ASP B 31 -28.93 -14.08 -14.84
N ILE B 32 -28.07 -15.09 -14.64
CA ILE B 32 -26.74 -15.13 -15.22
C ILE B 32 -26.52 -16.31 -16.17
N LYS B 33 -26.46 -15.99 -17.49
CA LYS B 33 -26.21 -17.01 -18.52
C LYS B 33 -24.71 -17.17 -18.60
N VAL B 34 -24.21 -18.36 -18.31
CA VAL B 34 -22.78 -18.62 -18.34
C VAL B 34 -22.24 -19.22 -19.66
N GLU B 35 -21.51 -18.40 -20.43
CA GLU B 35 -20.89 -18.87 -21.65
C GLU B 35 -19.45 -19.18 -21.28
N GLN B 36 -18.93 -20.30 -21.77
CA GLN B 36 -17.57 -20.69 -21.45
C GLN B 36 -16.83 -21.21 -22.65
N ALA B 37 -15.64 -20.70 -22.87
CA ALA B 37 -14.83 -21.15 -23.99
C ALA B 37 -13.36 -20.95 -23.66
N GLU B 38 -12.53 -21.36 -24.61
CA GLU B 38 -11.09 -21.27 -24.45
C GLU B 38 -10.59 -20.19 -25.38
N PHE B 39 -9.58 -19.43 -24.95
CA PHE B 39 -9.04 -18.38 -25.79
C PHE B 39 -8.97 -18.76 -27.26
N SER B 40 -8.44 -19.93 -27.59
CA SER B 40 -8.33 -20.33 -29.01
C SER B 40 -9.63 -20.25 -29.83
N ASP B 41 -10.75 -20.59 -29.22
CA ASP B 41 -12.06 -20.56 -29.86
C ASP B 41 -12.74 -19.20 -29.88
N LEU B 42 -12.05 -18.17 -29.42
CA LEU B 42 -12.70 -16.89 -29.34
C LEU B 42 -12.23 -15.91 -30.37
N ASN B 43 -13.13 -15.00 -30.73
CA ASN B 43 -12.80 -13.95 -31.67
C ASN B 43 -13.79 -12.82 -31.47
N LEU B 44 -13.40 -11.62 -31.82
CA LEU B 44 -14.29 -10.49 -31.64
C LEU B 44 -13.95 -9.32 -32.54
N VAL B 45 -14.75 -8.28 -32.38
CA VAL B 45 -14.57 -7.02 -33.07
C VAL B 45 -15.08 -6.06 -32.01
N ALA B 46 -14.39 -4.94 -31.82
CA ALA B 46 -14.78 -3.93 -30.82
C ALA B 46 -14.75 -2.58 -31.50
N HIS B 47 -15.74 -1.73 -31.23
CA HIS B 47 -15.80 -0.41 -31.85
C HIS B 47 -15.74 0.62 -30.74
N ALA B 48 -15.13 1.77 -31.02
CA ALA B 48 -14.96 2.85 -30.04
C ALA B 48 -16.27 3.52 -29.64
N ASN B 49 -17.29 3.40 -30.50
CA ASN B 49 -18.59 3.98 -30.22
C ASN B 49 -19.34 3.12 -29.22
N GLY B 50 -18.80 1.94 -28.91
CA GLY B 50 -19.44 1.07 -27.94
C GLY B 50 -19.80 -0.34 -28.41
N GLY B 51 -20.32 -0.46 -29.64
CA GLY B 51 -20.70 -1.76 -30.17
C GLY B 51 -19.58 -2.80 -30.17
N PHE B 52 -19.94 -4.08 -30.10
CA PHE B 52 -18.94 -5.16 -30.13
C PHE B 52 -19.60 -6.54 -30.28
N SER B 53 -18.78 -7.59 -30.38
CA SER B 53 -19.26 -8.98 -30.48
C SER B 53 -18.12 -9.96 -30.22
N VAL B 54 -18.43 -10.97 -29.44
CA VAL B 54 -17.46 -11.99 -29.12
C VAL B 54 -18.08 -13.25 -29.66
N ASP B 55 -17.52 -13.68 -30.78
CA ASP B 55 -17.97 -14.85 -31.49
C ASP B 55 -17.17 -16.12 -31.09
N MET B 56 -17.87 -17.06 -30.46
CA MET B 56 -17.30 -18.32 -30.01
C MET B 56 -17.33 -19.40 -31.14
N GLU B 57 -16.18 -19.74 -31.69
CA GLU B 57 -16.11 -20.74 -32.76
C GLU B 57 -15.76 -22.16 -32.32
N VAL B 58 -16.67 -22.86 -31.65
CA VAL B 58 -16.37 -24.22 -31.22
C VAL B 58 -16.58 -25.22 -32.35
N LEU B 59 -15.49 -25.61 -33.01
CA LEU B 59 -15.53 -26.55 -34.13
C LEU B 59 -15.75 -27.99 -33.67
N ARG B 60 -16.71 -28.21 -32.78
CA ARG B 60 -16.99 -29.54 -32.28
C ARG B 60 -17.99 -30.25 -33.19
N ASN B 61 -17.48 -30.82 -34.27
CA ASN B 61 -18.29 -31.53 -35.26
C ASN B 61 -19.24 -30.59 -36.00
N GLY B 62 -19.19 -30.64 -37.33
CA GLY B 62 -20.05 -29.79 -38.12
C GLY B 62 -19.29 -28.59 -38.68
N VAL B 63 -18.06 -28.84 -39.11
CA VAL B 63 -17.18 -27.81 -39.68
C VAL B 63 -17.15 -26.51 -38.87
N LYS B 64 -17.22 -25.35 -39.53
CA LYS B 64 -17.18 -24.06 -38.84
C LYS B 64 -18.42 -23.74 -38.01
N VAL B 65 -18.33 -24.00 -36.71
CA VAL B 65 -19.42 -23.72 -35.79
C VAL B 65 -19.16 -22.43 -35.01
N VAL B 66 -19.97 -21.42 -35.27
CA VAL B 66 -19.87 -20.09 -34.65
C VAL B 66 -21.18 -19.58 -34.03
N ARG B 67 -21.13 -19.18 -32.76
CA ARG B 67 -22.28 -18.63 -32.07
C ARG B 67 -21.84 -17.27 -31.53
N SER B 68 -22.53 -16.21 -31.94
CA SER B 68 -22.15 -14.89 -31.47
C SER B 68 -22.73 -14.71 -30.09
N LEU B 69 -22.06 -13.89 -29.27
CA LEU B 69 -22.53 -13.60 -27.92
C LEU B 69 -22.01 -12.21 -27.52
N LYS B 70 -22.58 -11.66 -26.44
CA LYS B 70 -22.14 -10.36 -25.94
C LYS B 70 -21.99 -10.41 -24.44
N PRO B 71 -20.77 -10.70 -23.98
CA PRO B 71 -20.46 -10.79 -22.56
C PRO B 71 -20.70 -9.45 -21.86
N ASP B 72 -21.18 -9.53 -20.63
CA ASP B 72 -21.44 -8.36 -19.80
C ASP B 72 -20.27 -8.30 -18.81
N PHE B 73 -19.61 -9.45 -18.67
CA PHE B 73 -18.50 -9.64 -17.76
C PHE B 73 -17.66 -10.83 -18.27
N VAL B 74 -16.38 -10.85 -17.89
CA VAL B 74 -15.47 -11.93 -18.26
C VAL B 74 -14.73 -12.41 -17.03
N LEU B 75 -14.47 -13.71 -17.00
CA LEU B 75 -13.72 -14.33 -15.91
C LEU B 75 -12.65 -15.09 -16.69
N ILE B 76 -11.43 -14.60 -16.59
CA ILE B 76 -10.30 -15.20 -17.30
C ILE B 76 -9.54 -16.14 -16.38
N ARG B 77 -9.73 -17.44 -16.59
CA ARG B 77 -9.08 -18.48 -15.79
C ARG B 77 -7.98 -19.21 -16.54
N GLN B 78 -7.79 -18.84 -17.79
CA GLN B 78 -6.83 -19.48 -18.67
C GLN B 78 -5.66 -18.53 -18.86
N HIS B 79 -4.52 -19.04 -19.32
CA HIS B 79 -3.38 -18.14 -19.52
C HIS B 79 -3.39 -17.57 -20.94
N ALA B 80 -3.14 -16.25 -21.02
CA ALA B 80 -3.15 -15.51 -22.28
C ALA B 80 -1.92 -15.55 -23.18
N PHE B 81 -0.74 -15.46 -22.60
CA PHE B 81 0.46 -15.49 -23.40
C PHE B 81 1.31 -16.70 -23.12
N SER B 82 1.90 -17.26 -24.16
CA SER B 82 2.74 -18.44 -24.04
C SER B 82 3.67 -18.43 -25.26
N MET B 83 4.97 -18.47 -25.01
CA MET B 83 5.94 -18.48 -26.09
C MET B 83 6.00 -19.88 -26.69
N ALA B 84 4.99 -20.18 -27.50
CA ALA B 84 4.86 -21.46 -28.16
C ALA B 84 3.79 -21.30 -29.25
N ARG B 85 3.66 -22.30 -30.12
CA ARG B 85 2.68 -22.24 -31.19
C ARG B 85 1.27 -22.24 -30.59
N ASN B 86 0.42 -21.37 -31.12
CA ASN B 86 -0.97 -21.23 -30.66
C ASN B 86 -1.02 -20.73 -29.22
N GLY B 87 -0.15 -19.79 -28.87
CA GLY B 87 -0.14 -19.28 -27.50
C GLY B 87 -0.22 -17.78 -27.28
N ASP B 88 -0.61 -17.02 -28.30
CA ASP B 88 -0.73 -15.56 -28.14
C ASP B 88 -2.16 -15.07 -28.30
N TYR B 89 -2.78 -14.78 -27.16
CA TYR B 89 -4.16 -14.30 -27.12
C TYR B 89 -4.18 -12.91 -26.49
N ARG B 90 -3.04 -12.23 -26.57
CA ARG B 90 -2.90 -10.88 -26.02
C ARG B 90 -3.79 -9.90 -26.75
N SER B 91 -3.96 -10.10 -28.05
CA SER B 91 -4.80 -9.23 -28.87
C SER B 91 -6.29 -9.38 -28.50
N LEU B 92 -6.65 -10.51 -27.89
CA LEU B 92 -8.02 -10.74 -27.44
C LEU B 92 -8.24 -9.97 -26.15
N VAL B 93 -7.23 -9.99 -25.29
CA VAL B 93 -7.32 -9.23 -24.07
C VAL B 93 -7.48 -7.77 -24.46
N ILE B 94 -6.60 -7.28 -25.31
CA ILE B 94 -6.68 -5.90 -25.79
C ILE B 94 -8.09 -5.66 -26.33
N GLY B 95 -8.60 -6.62 -27.10
CA GLY B 95 -9.93 -6.50 -27.71
C GLY B 95 -11.02 -6.35 -26.66
N LEU B 96 -10.93 -7.14 -25.60
CA LEU B 96 -11.93 -7.08 -24.54
C LEU B 96 -11.88 -5.72 -23.81
N GLN B 97 -10.67 -5.21 -23.64
CA GLN B 97 -10.46 -3.95 -22.98
C GLN B 97 -11.04 -2.88 -23.86
N TYR B 98 -10.78 -3.02 -25.17
CA TYR B 98 -11.25 -2.09 -26.18
C TYR B 98 -12.78 -2.08 -26.17
N ALA B 99 -13.38 -3.24 -25.90
CA ALA B 99 -14.83 -3.38 -25.85
C ALA B 99 -15.39 -2.88 -24.52
N GLY B 100 -14.53 -2.70 -23.53
CA GLY B 100 -14.97 -2.19 -22.25
C GLY B 100 -15.66 -3.18 -21.34
N ILE B 101 -15.42 -4.46 -21.58
CA ILE B 101 -16.05 -5.50 -20.77
C ILE B 101 -15.36 -5.68 -19.42
N PRO B 102 -16.12 -5.61 -18.32
CA PRO B 102 -15.56 -5.77 -16.96
C PRO B 102 -14.96 -7.17 -16.84
N SER B 103 -13.92 -7.31 -16.03
CA SER B 103 -13.27 -8.60 -15.93
C SER B 103 -12.65 -8.91 -14.58
N ILE B 104 -12.42 -10.20 -14.36
CA ILE B 104 -11.77 -10.72 -13.17
C ILE B 104 -10.81 -11.81 -13.66
N ASN B 105 -9.51 -11.58 -13.50
CA ASN B 105 -9.01 -10.35 -12.90
C ASN B 105 -9.17 -9.26 -13.92
N SER B 106 -8.83 -8.03 -13.55
CA SER B 106 -8.94 -6.91 -14.45
C SER B 106 -8.16 -7.22 -15.70
N LEU B 107 -8.65 -6.74 -16.85
CA LEU B 107 -7.97 -6.92 -18.14
C LEU B 107 -6.59 -6.26 -18.08
N HIS B 108 -6.47 -5.19 -17.32
CA HIS B 108 -5.20 -4.50 -17.19
C HIS B 108 -4.16 -5.44 -16.60
N SER B 109 -4.51 -6.11 -15.52
CA SER B 109 -3.61 -7.05 -14.86
C SER B 109 -3.34 -8.26 -15.75
N VAL B 110 -4.38 -8.79 -16.40
CA VAL B 110 -4.21 -9.92 -17.30
C VAL B 110 -3.23 -9.57 -18.45
N TYR B 111 -3.27 -8.34 -18.93
CA TYR B 111 -2.37 -7.92 -19.99
C TYR B 111 -0.95 -7.75 -19.44
N ASN B 112 -0.82 -7.19 -18.25
CA ASN B 112 0.51 -7.00 -17.69
C ASN B 112 1.14 -8.28 -17.15
N PHE B 113 0.36 -9.35 -17.10
CA PHE B 113 0.86 -10.65 -16.64
C PHE B 113 1.44 -11.46 -17.79
N CYS B 114 1.40 -10.89 -18.99
CA CYS B 114 1.91 -11.58 -20.16
C CYS B 114 3.41 -11.74 -20.26
N ASP B 115 4.16 -11.11 -19.37
CA ASP B 115 5.60 -11.24 -19.34
C ASP B 115 5.96 -11.51 -17.90
N LYS B 116 6.33 -12.75 -17.58
CA LYS B 116 6.65 -13.13 -16.21
C LYS B 116 7.64 -12.23 -15.49
N PRO B 117 8.78 -11.87 -16.13
CA PRO B 117 9.77 -10.99 -15.48
C PRO B 117 9.22 -9.57 -15.24
N TRP B 118 8.17 -9.19 -15.97
CA TRP B 118 7.53 -7.89 -15.82
C TRP B 118 6.74 -7.98 -14.50
N VAL B 119 6.12 -9.13 -14.26
CA VAL B 119 5.39 -9.36 -13.04
C VAL B 119 6.38 -9.44 -11.90
N PHE B 120 7.47 -10.15 -12.13
CA PHE B 120 8.50 -10.31 -11.13
C PHE B 120 9.12 -8.97 -10.77
N ALA B 121 9.23 -8.07 -11.76
CA ALA B 121 9.77 -6.75 -11.54
C ALA B 121 8.98 -6.00 -10.45
N GLN B 122 7.68 -6.29 -10.34
CA GLN B 122 6.82 -5.66 -9.33
C GLN B 122 7.21 -6.16 -7.96
N MET B 123 7.48 -7.46 -7.90
CA MET B 123 7.91 -8.10 -6.66
C MET B 123 9.27 -7.60 -6.25
N VAL B 124 10.08 -7.26 -7.22
CA VAL B 124 11.40 -6.73 -6.92
C VAL B 124 11.22 -5.37 -6.23
N ARG B 125 10.28 -4.54 -6.70
CA ARG B 125 10.05 -3.24 -6.09
C ARG B 125 9.59 -3.41 -4.65
N LEU B 126 8.72 -4.38 -4.42
CA LEU B 126 8.19 -4.64 -3.10
C LEU B 126 9.29 -5.17 -2.19
N HIS B 127 10.17 -6.00 -2.73
CA HIS B 127 11.26 -6.57 -1.95
C HIS B 127 12.26 -5.49 -1.59
N LYS B 128 12.38 -4.50 -2.45
CA LYS B 128 13.32 -3.42 -2.22
C LYS B 128 12.78 -2.55 -1.11
N LYS B 129 11.47 -2.31 -1.11
CA LYS B 129 10.81 -1.51 -0.07
C LYS B 129 10.80 -2.25 1.28
N LEU B 130 10.36 -3.51 1.26
CA LEU B 130 10.23 -4.29 2.48
C LEU B 130 11.48 -4.90 3.09
N GLY B 131 12.37 -5.45 2.27
CA GLY B 131 13.57 -6.08 2.81
C GLY B 131 13.40 -7.58 2.93
N THR B 132 14.51 -8.32 2.96
CA THR B 132 14.44 -9.78 3.02
C THR B 132 13.72 -10.33 4.25
N GLU B 133 13.72 -9.55 5.32
CA GLU B 133 13.10 -9.94 6.58
C GLU B 133 11.58 -10.06 6.45
N GLU B 134 11.03 -9.20 5.62
CA GLU B 134 9.60 -9.16 5.41
C GLU B 134 9.18 -9.88 4.13
N PHE B 135 10.02 -9.80 3.11
CA PHE B 135 9.70 -10.35 1.80
C PHE B 135 10.95 -11.00 1.20
N PRO B 136 11.17 -12.30 1.50
CA PRO B 136 12.34 -13.05 1.01
C PRO B 136 12.23 -13.51 -0.46
N LEU B 137 12.34 -12.55 -1.37
CA LEU B 137 12.25 -12.82 -2.79
C LEU B 137 13.55 -13.40 -3.30
N ILE B 138 13.50 -14.59 -3.90
CA ILE B 138 14.69 -15.24 -4.46
C ILE B 138 15.46 -14.24 -5.30
N ASN B 139 16.79 -14.35 -5.32
CA ASN B 139 17.59 -13.40 -6.09
C ASN B 139 17.74 -13.83 -7.53
N GLN B 140 16.75 -13.49 -8.34
CA GLN B 140 16.74 -13.84 -9.74
C GLN B 140 17.49 -12.82 -10.59
N THR B 141 17.95 -13.26 -11.76
CA THR B 141 18.68 -12.37 -12.66
C THR B 141 17.96 -12.41 -14.00
N PHE B 142 17.70 -11.23 -14.54
CA PHE B 142 17.01 -11.06 -15.81
C PHE B 142 17.97 -10.69 -16.95
N TYR B 143 17.87 -11.41 -18.05
CA TYR B 143 18.71 -11.14 -19.21
C TYR B 143 17.77 -10.84 -20.35
N PRO B 144 17.81 -9.60 -20.87
CA PRO B 144 16.93 -9.24 -21.98
C PRO B 144 17.16 -10.19 -23.14
N ASN B 145 18.38 -10.71 -23.22
CA ASN B 145 18.78 -11.66 -24.26
C ASN B 145 20.08 -12.38 -23.87
N HIS B 146 20.37 -13.46 -24.59
CA HIS B 146 21.55 -14.31 -24.39
C HIS B 146 22.95 -13.63 -24.35
N LYS B 147 23.07 -12.47 -24.98
CA LYS B 147 24.34 -11.75 -25.06
C LYS B 147 25.06 -11.62 -23.73
N GLU B 148 24.45 -10.93 -22.77
CA GLU B 148 25.09 -10.73 -21.48
C GLU B 148 25.13 -12.02 -20.65
N MET B 149 24.44 -13.06 -21.12
CA MET B 149 24.36 -14.34 -20.43
C MET B 149 25.62 -15.16 -20.49
N LEU B 150 26.67 -14.66 -19.85
CA LEU B 150 27.98 -15.32 -19.87
C LEU B 150 28.16 -16.33 -18.75
N SER B 151 27.76 -15.95 -17.53
CA SER B 151 27.89 -16.84 -16.35
C SER B 151 26.87 -16.63 -15.25
N SER B 152 26.84 -17.57 -14.31
CA SER B 152 25.97 -17.50 -13.17
C SER B 152 26.90 -17.48 -11.94
N THR B 153 26.50 -16.77 -10.90
CA THR B 153 27.33 -16.72 -9.71
C THR B 153 27.02 -17.88 -8.73
N THR B 154 26.10 -18.77 -9.11
CA THR B 154 25.78 -19.90 -8.23
C THR B 154 25.35 -21.09 -9.06
N TYR B 155 25.81 -22.28 -8.67
CA TYR B 155 25.37 -23.47 -9.34
C TYR B 155 24.97 -24.45 -8.24
N PRO B 156 23.92 -25.24 -8.45
CA PRO B 156 23.10 -25.25 -9.66
C PRO B 156 22.34 -23.92 -9.80
N VAL B 157 21.82 -23.67 -10.99
CA VAL B 157 21.07 -22.45 -11.27
C VAL B 157 19.83 -22.91 -12.06
N VAL B 158 18.71 -22.19 -11.98
CA VAL B 158 17.53 -22.58 -12.73
C VAL B 158 17.26 -21.51 -13.78
N VAL B 159 17.35 -21.95 -15.03
CA VAL B 159 17.12 -21.09 -16.19
C VAL B 159 15.68 -21.21 -16.66
N LYS B 160 14.99 -20.07 -16.65
CA LYS B 160 13.60 -20.01 -17.07
C LYS B 160 13.56 -19.22 -18.36
N MET B 161 13.22 -19.94 -19.43
CA MET B 161 13.14 -19.38 -20.76
C MET B 161 11.84 -18.71 -21.10
N GLY B 162 12.00 -17.49 -21.60
CA GLY B 162 10.91 -16.64 -22.01
C GLY B 162 9.69 -16.67 -21.13
N HIS B 163 8.57 -16.85 -21.80
CA HIS B 163 7.29 -16.89 -21.13
C HIS B 163 6.80 -18.31 -21.19
N ALA B 164 7.29 -19.11 -20.25
CA ALA B 164 6.92 -20.52 -20.17
C ALA B 164 6.17 -20.78 -18.86
N HIS B 165 5.35 -21.82 -18.84
CA HIS B 165 4.58 -22.18 -17.64
C HIS B 165 4.31 -23.66 -17.64
N SER B 166 3.81 -24.16 -16.52
CA SER B 166 3.51 -25.57 -16.38
C SER B 166 4.76 -26.39 -16.75
N GLY B 167 5.77 -26.31 -15.88
CA GLY B 167 7.02 -27.01 -16.07
C GLY B 167 7.80 -26.72 -17.35
N MET B 168 7.21 -25.94 -18.27
CA MET B 168 7.87 -25.66 -19.54
C MET B 168 8.91 -24.58 -19.50
N GLY B 169 9.90 -24.71 -20.38
CA GLY B 169 10.96 -23.72 -20.46
C GLY B 169 11.87 -23.63 -19.26
N LYS B 170 11.71 -24.51 -18.30
CA LYS B 170 12.57 -24.51 -17.12
C LYS B 170 13.65 -25.54 -17.36
N VAL B 171 14.85 -25.22 -16.92
CA VAL B 171 16.01 -26.07 -17.10
C VAL B 171 16.97 -25.82 -15.93
N LYS B 172 17.43 -26.87 -15.27
CA LYS B 172 18.41 -26.73 -14.17
C LYS B 172 19.80 -27.03 -14.75
N VAL B 173 20.73 -26.11 -14.57
CA VAL B 173 22.08 -26.29 -15.08
C VAL B 173 22.99 -26.50 -13.87
N ASP B 174 23.92 -27.45 -13.97
CA ASP B 174 24.81 -27.76 -12.85
C ASP B 174 26.24 -27.23 -12.94
N ASN B 175 26.62 -26.71 -14.11
CA ASN B 175 27.98 -26.18 -14.32
C ASN B 175 28.08 -25.12 -15.41
N GLN B 176 29.28 -24.56 -15.58
CA GLN B 176 29.59 -23.51 -16.57
C GLN B 176 29.39 -23.93 -18.05
N HIS B 177 29.98 -25.05 -18.43
CA HIS B 177 29.90 -25.58 -19.81
C HIS B 177 28.46 -25.82 -20.24
N ASP B 178 27.66 -26.32 -19.31
CA ASP B 178 26.26 -26.61 -19.57
C ASP B 178 25.44 -25.30 -19.65
N PHE B 179 25.92 -24.28 -18.97
CA PHE B 179 25.25 -22.98 -18.98
C PHE B 179 25.40 -22.36 -20.37
N GLN B 180 26.61 -22.40 -20.91
CA GLN B 180 26.89 -21.81 -22.22
C GLN B 180 26.10 -22.43 -23.33
N ASP B 181 25.70 -23.68 -23.15
CA ASP B 181 24.91 -24.39 -24.13
C ASP B 181 23.49 -23.93 -24.05
N ILE B 182 22.97 -23.82 -22.82
CA ILE B 182 21.61 -23.35 -22.62
C ILE B 182 21.51 -21.90 -23.03
N ALA B 183 22.62 -21.18 -22.90
CA ALA B 183 22.66 -19.77 -23.28
C ALA B 183 22.54 -19.64 -24.79
N SER B 184 23.16 -20.57 -25.50
CA SER B 184 23.10 -20.57 -26.95
C SER B 184 21.65 -20.96 -27.36
N VAL B 185 20.97 -21.72 -26.51
CA VAL B 185 19.58 -22.12 -26.78
C VAL B 185 18.68 -20.92 -26.54
N VAL B 186 19.07 -20.07 -25.62
CA VAL B 186 18.28 -18.88 -25.33
C VAL B 186 18.41 -17.96 -26.52
N ALA B 187 19.53 -18.06 -27.21
CA ALA B 187 19.79 -17.24 -28.40
C ALA B 187 18.70 -17.56 -29.41
N LEU B 188 18.51 -18.86 -29.60
CA LEU B 188 17.55 -19.42 -30.53
C LEU B 188 16.12 -19.07 -30.16
N THR B 189 15.86 -18.80 -28.89
CA THR B 189 14.51 -18.42 -28.56
C THR B 189 14.25 -16.96 -29.02
N LYS B 190 15.33 -16.19 -29.25
CA LYS B 190 15.25 -14.79 -29.69
C LYS B 190 14.46 -13.99 -28.66
N THR B 191 14.52 -14.42 -27.41
CA THR B 191 13.79 -13.78 -26.33
C THR B 191 14.61 -13.77 -25.04
N TYR B 192 14.03 -13.17 -24.01
CA TYR B 192 14.66 -13.05 -22.70
C TYR B 192 14.64 -14.33 -21.87
N ALA B 193 15.45 -14.34 -20.81
CA ALA B 193 15.54 -15.47 -19.90
C ALA B 193 15.93 -14.93 -18.53
N THR B 194 15.73 -15.76 -17.51
CA THR B 194 16.11 -15.39 -16.15
C THR B 194 16.82 -16.59 -15.58
N THR B 195 17.70 -16.33 -14.63
CA THR B 195 18.42 -17.39 -13.93
C THR B 195 18.25 -17.07 -12.45
N GLU B 196 18.19 -18.11 -11.64
CA GLU B 196 18.07 -17.90 -10.23
C GLU B 196 18.77 -19.07 -9.51
N PRO B 197 19.26 -18.82 -8.30
CA PRO B 197 19.95 -19.89 -7.56
C PRO B 197 19.00 -21.06 -7.40
N PHE B 198 19.52 -22.27 -7.54
CA PHE B 198 18.66 -23.42 -7.39
C PHE B 198 18.43 -23.64 -5.90
N ILE B 199 17.20 -23.96 -5.53
CA ILE B 199 16.85 -24.17 -4.14
C ILE B 199 16.57 -25.62 -3.86
N ASP B 200 17.46 -26.23 -3.08
CA ASP B 200 17.27 -27.61 -2.69
C ASP B 200 16.24 -27.38 -1.60
N ALA B 201 14.97 -27.60 -1.97
CA ALA B 201 13.88 -27.34 -1.05
C ALA B 201 13.24 -28.54 -0.36
N LYS B 202 12.86 -28.36 0.90
CA LYS B 202 12.21 -29.41 1.66
C LYS B 202 10.79 -29.37 1.17
N TYR B 203 10.19 -28.19 1.23
CA TYR B 203 8.80 -28.00 0.80
C TYR B 203 8.54 -26.60 0.22
N ASP B 204 7.52 -26.52 -0.63
CA ASP B 204 7.13 -25.25 -1.24
C ASP B 204 5.73 -24.87 -0.75
N VAL B 205 5.53 -23.57 -0.51
CA VAL B 205 4.25 -23.06 -0.06
C VAL B 205 3.60 -22.22 -1.17
N ARG B 206 2.28 -22.09 -1.11
CA ARG B 206 1.54 -21.25 -2.02
C ARG B 206 0.46 -20.57 -1.19
N ILE B 207 0.63 -19.27 -1.01
CA ILE B 207 -0.32 -18.49 -0.25
C ILE B 207 -1.27 -17.84 -1.23
N GLN B 208 -2.52 -18.27 -1.20
CA GLN B 208 -3.51 -17.74 -2.12
C GLN B 208 -4.46 -16.76 -1.45
N LYS B 209 -5.06 -15.90 -2.28
CA LYS B 209 -6.02 -14.91 -1.84
C LYS B 209 -7.04 -14.74 -2.93
N ILE B 210 -8.30 -15.05 -2.60
CA ILE B 210 -9.44 -14.93 -3.51
C ILE B 210 -10.40 -14.00 -2.78
N GLY B 211 -10.49 -12.75 -3.24
CA GLY B 211 -11.33 -11.77 -2.58
C GLY B 211 -10.69 -11.52 -1.22
N GLN B 212 -11.43 -11.78 -0.15
CA GLN B 212 -10.92 -11.61 1.20
C GLN B 212 -10.56 -12.97 1.85
N ASN B 213 -10.47 -14.02 1.05
CA ASN B 213 -10.15 -15.33 1.60
C ASN B 213 -8.69 -15.71 1.33
N TYR B 214 -8.03 -16.18 2.38
CA TYR B 214 -6.65 -16.59 2.33
C TYR B 214 -6.53 -18.08 2.64
N LYS B 215 -5.69 -18.79 1.89
CA LYS B 215 -5.42 -20.22 2.12
C LYS B 215 -3.95 -20.47 1.84
N ALA B 216 -3.34 -21.28 2.68
CA ALA B 216 -1.94 -21.61 2.57
C ALA B 216 -1.88 -23.11 2.47
N TYR B 217 -1.16 -23.58 1.45
CA TYR B 217 -0.98 -25.01 1.24
C TYR B 217 0.51 -25.30 1.20
N MET B 218 0.89 -26.50 1.65
CA MET B 218 2.27 -26.97 1.67
C MET B 218 2.29 -28.21 0.81
N ARG B 219 3.38 -28.46 0.14
CA ARG B 219 3.51 -29.61 -0.73
C ARG B 219 4.89 -30.14 -0.44
N THR B 220 5.12 -31.44 -0.67
CA THR B 220 6.43 -32.03 -0.40
C THR B 220 6.78 -33.14 -1.42
N LEU B 235 -0.02 -32.45 -1.39
CA LEU B 235 -0.60 -31.22 -0.80
C LEU B 235 -1.16 -31.36 0.62
N GLU B 236 -1.03 -30.29 1.40
CA GLU B 236 -1.47 -30.28 2.77
C GLU B 236 -1.68 -28.84 3.27
N GLN B 237 -2.90 -28.52 3.64
CA GLN B 237 -3.17 -27.17 4.10
C GLN B 237 -2.50 -26.86 5.43
N ILE B 238 -1.89 -25.69 5.48
CA ILE B 238 -1.22 -25.25 6.67
C ILE B 238 -1.90 -23.96 7.03
N ALA B 239 -1.59 -23.44 8.21
CA ALA B 239 -2.19 -22.21 8.67
C ALA B 239 -1.47 -20.97 8.16
N MET B 240 -2.25 -19.90 8.00
CA MET B 240 -1.78 -18.59 7.55
C MET B 240 -1.05 -17.90 8.68
N SER B 241 -0.08 -17.06 8.36
CA SER B 241 0.65 -16.31 9.36
C SER B 241 0.57 -14.88 8.90
N ASP B 242 0.90 -13.93 9.77
CA ASP B 242 0.87 -12.52 9.37
C ASP B 242 1.94 -12.32 8.29
N ARG B 243 2.99 -13.13 8.38
CA ARG B 243 4.10 -13.10 7.43
C ARG B 243 3.60 -13.54 6.05
N TYR B 244 2.85 -14.63 6.02
CA TYR B 244 2.29 -15.18 4.78
C TYR B 244 1.31 -14.21 4.14
N LYS B 245 0.44 -13.69 5.00
CA LYS B 245 -0.60 -12.76 4.63
C LYS B 245 0.04 -11.49 4.10
N LEU B 246 1.21 -11.13 4.61
CA LEU B 246 1.88 -9.93 4.13
C LEU B 246 2.30 -10.18 2.69
N TRP B 247 2.86 -11.34 2.44
CA TRP B 247 3.30 -11.66 1.10
C TRP B 247 2.20 -11.53 0.06
N VAL B 248 1.06 -12.13 0.35
CA VAL B 248 -0.03 -12.16 -0.60
C VAL B 248 -0.78 -10.83 -0.75
N ASP B 249 -0.97 -10.12 0.35
CA ASP B 249 -1.63 -8.78 0.30
C ASP B 249 -0.78 -7.84 -0.56
N THR B 250 0.52 -7.85 -0.29
CA THR B 250 1.48 -7.05 -1.00
C THR B 250 1.38 -7.33 -2.49
N CYS B 251 1.42 -8.60 -2.88
CA CYS B 251 1.32 -8.95 -4.28
C CYS B 251 -0.06 -8.69 -4.86
N SER B 252 -1.10 -8.75 -4.03
CA SER B 252 -2.46 -8.51 -4.53
C SER B 252 -2.72 -7.05 -4.90
N GLU B 253 -1.79 -6.15 -4.63
CA GLU B 253 -2.00 -4.77 -4.98
C GLU B 253 -1.38 -4.39 -6.31
N ILE B 254 -0.60 -5.28 -6.90
CA ILE B 254 0.08 -4.96 -8.17
C ILE B 254 -0.88 -4.81 -9.35
N PHE B 255 -0.44 -4.07 -10.37
CA PHE B 255 -1.24 -3.78 -11.54
C PHE B 255 -2.64 -3.30 -11.19
N GLY B 256 -2.71 -2.50 -10.13
CA GLY B 256 -3.97 -1.96 -9.68
C GLY B 256 -4.84 -2.90 -8.86
N GLY B 257 -4.32 -4.04 -8.41
CA GLY B 257 -5.14 -4.97 -7.64
C GLY B 257 -5.50 -6.26 -8.34
N LEU B 258 -5.30 -7.38 -7.66
CA LEU B 258 -5.59 -8.68 -8.24
C LEU B 258 -6.64 -9.38 -7.36
N ASP B 259 -7.81 -9.62 -7.92
CA ASP B 259 -8.92 -10.27 -7.23
C ASP B 259 -8.63 -11.71 -6.86
N ILE B 260 -7.87 -12.40 -7.70
CA ILE B 260 -7.50 -13.79 -7.46
C ILE B 260 -5.99 -13.86 -7.67
N CYS B 261 -5.23 -14.34 -6.69
CA CYS B 261 -3.76 -14.47 -6.85
C CYS B 261 -3.14 -15.38 -5.80
N ALA B 262 -1.89 -15.73 -6.01
CA ALA B 262 -1.18 -16.60 -5.08
C ALA B 262 0.32 -16.33 -5.20
N VAL B 263 1.05 -16.54 -4.10
CA VAL B 263 2.49 -16.33 -4.05
C VAL B 263 3.11 -17.67 -3.74
N GLU B 264 4.01 -18.10 -4.61
CA GLU B 264 4.68 -19.37 -4.43
C GLU B 264 6.07 -19.12 -3.84
N ALA B 265 6.37 -19.81 -2.75
CA ALA B 265 7.65 -19.67 -2.12
C ALA B 265 8.20 -21.06 -1.79
N LEU B 266 9.52 -21.19 -1.86
CA LEU B 266 10.17 -22.45 -1.53
C LEU B 266 10.91 -22.34 -0.20
N HIS B 267 10.61 -23.25 0.72
CA HIS B 267 11.33 -23.25 1.99
C HIS B 267 12.43 -24.26 1.80
N GLY B 268 13.64 -23.76 1.60
CA GLY B 268 14.72 -24.69 1.36
C GLY B 268 15.09 -25.58 2.51
N LYS B 269 16.13 -26.36 2.25
CA LYS B 269 16.68 -27.22 3.24
C LYS B 269 17.60 -26.32 4.06
N ASP B 270 17.89 -25.13 3.53
CA ASP B 270 18.70 -24.14 4.23
C ASP B 270 17.95 -23.60 5.44
N GLY B 271 16.64 -23.89 5.47
CA GLY B 271 15.79 -23.46 6.55
C GLY B 271 15.12 -22.10 6.39
N ARG B 272 15.13 -21.52 5.19
CA ARG B 272 14.52 -20.22 4.95
C ARG B 272 13.62 -20.22 3.71
N ASP B 273 12.77 -19.21 3.62
CA ASP B 273 11.85 -19.10 2.51
C ASP B 273 12.37 -18.30 1.32
N HIS B 274 11.82 -18.58 0.13
CA HIS B 274 12.19 -17.89 -1.12
C HIS B 274 10.96 -17.69 -2.00
N ILE B 275 10.64 -16.44 -2.26
CA ILE B 275 9.48 -16.22 -3.06
C ILE B 275 9.94 -16.29 -4.49
N ILE B 276 9.35 -17.19 -5.26
CA ILE B 276 9.73 -17.31 -6.66
C ILE B 276 8.75 -16.61 -7.60
N GLU B 277 7.46 -16.57 -7.28
CA GLU B 277 6.52 -15.89 -8.18
C GLU B 277 5.14 -15.65 -7.63
N VAL B 278 4.36 -14.89 -8.40
CA VAL B 278 2.99 -14.56 -8.07
C VAL B 278 2.21 -14.86 -9.33
N VAL B 279 1.10 -15.57 -9.16
CA VAL B 279 0.22 -15.95 -10.28
C VAL B 279 -1.13 -15.21 -10.19
N GLY B 280 -1.72 -14.92 -11.35
CA GLY B 280 -3.01 -14.22 -11.42
C GLY B 280 -4.28 -15.07 -11.39
N SER B 281 -5.29 -14.62 -12.14
CA SER B 281 -6.59 -15.30 -12.19
C SER B 281 -6.56 -16.69 -12.81
N SER B 282 -5.43 -17.04 -13.43
CA SER B 282 -5.28 -18.35 -14.03
C SER B 282 -4.71 -19.33 -13.01
N MET B 283 -4.50 -18.85 -11.78
CA MET B 283 -3.92 -19.68 -10.75
C MET B 283 -4.68 -20.97 -10.62
N PRO B 284 -3.98 -22.10 -10.77
CA PRO B 284 -4.67 -23.38 -10.67
C PRO B 284 -5.26 -23.56 -9.29
N LEU B 285 -6.48 -24.06 -9.23
CA LEU B 285 -7.14 -24.32 -7.95
C LEU B 285 -6.60 -25.64 -7.45
N ILE B 286 -5.98 -25.63 -6.29
CA ILE B 286 -5.41 -26.85 -5.75
C ILE B 286 -6.02 -27.20 -4.40
N GLY B 287 -5.54 -28.31 -3.84
CA GLY B 287 -6.00 -28.75 -2.55
C GLY B 287 -7.34 -29.46 -2.59
N ASP B 288 -7.93 -29.58 -1.41
CA ASP B 288 -9.21 -30.26 -1.26
C ASP B 288 -10.36 -29.27 -1.25
N HIS B 289 -9.99 -28.00 -1.11
CA HIS B 289 -10.95 -26.92 -1.10
C HIS B 289 -11.14 -26.32 -2.48
N GLN B 290 -10.97 -27.15 -3.51
CA GLN B 290 -11.12 -26.72 -4.89
C GLN B 290 -12.51 -26.15 -5.13
N ASP B 291 -13.53 -26.90 -4.71
CA ASP B 291 -14.92 -26.52 -4.89
C ASP B 291 -15.35 -25.32 -4.06
N GLU B 292 -14.70 -25.15 -2.93
CA GLU B 292 -14.99 -24.06 -2.02
C GLU B 292 -14.45 -22.80 -2.66
N ASP B 293 -13.26 -22.90 -3.24
CA ASP B 293 -12.62 -21.78 -3.90
C ASP B 293 -13.46 -21.44 -5.13
N LYS B 294 -14.01 -22.47 -5.78
CA LYS B 294 -14.82 -22.23 -6.95
C LYS B 294 -16.03 -21.42 -6.56
N GLN B 295 -16.56 -21.67 -5.36
CA GLN B 295 -17.72 -20.91 -4.92
C GLN B 295 -17.33 -19.49 -4.59
N LEU B 296 -16.16 -19.34 -3.95
CA LEU B 296 -15.65 -18.02 -3.57
C LEU B 296 -15.46 -17.15 -4.80
N ILE B 297 -14.98 -17.78 -5.87
CA ILE B 297 -14.76 -17.13 -7.13
C ILE B 297 -16.11 -16.73 -7.72
N VAL B 298 -17.10 -17.63 -7.58
CA VAL B 298 -18.45 -17.39 -8.09
C VAL B 298 -19.08 -16.19 -7.39
N GLU B 299 -18.99 -16.15 -6.06
CA GLU B 299 -19.56 -15.07 -5.26
C GLU B 299 -18.94 -13.71 -5.59
N LEU B 300 -17.64 -13.75 -5.85
CA LEU B 300 -16.88 -12.57 -6.20
C LEU B 300 -17.30 -12.06 -7.56
N VAL B 301 -17.43 -12.97 -8.52
CA VAL B 301 -17.78 -12.60 -9.88
C VAL B 301 -19.19 -12.02 -9.95
N VAL B 302 -20.13 -12.66 -9.24
CA VAL B 302 -21.54 -12.22 -9.23
C VAL B 302 -21.66 -10.81 -8.63
N ASN B 303 -20.82 -10.56 -7.63
CA ASN B 303 -20.84 -9.30 -6.95
C ASN B 303 -20.30 -8.18 -7.81
N LYS B 304 -19.27 -8.48 -8.59
CA LYS B 304 -18.68 -7.47 -9.45
C LYS B 304 -19.65 -7.20 -10.61
N MET B 305 -20.38 -8.24 -11.03
CA MET B 305 -21.37 -8.10 -12.11
C MET B 305 -22.52 -7.21 -11.65
N ALA B 306 -22.80 -7.29 -10.35
CA ALA B 306 -23.85 -6.49 -9.74
C ALA B 306 -23.49 -5.01 -9.69
N GLN B 307 -22.19 -4.70 -9.59
CA GLN B 307 -21.69 -3.32 -9.55
C GLN B 307 -21.58 -2.69 -10.93
N ALA B 308 -21.61 -3.54 -11.95
CA ALA B 308 -21.52 -3.09 -13.34
C ALA B 308 -22.86 -2.52 -13.85
CA CA C . 3.78 11.86 20.86
PG AGS D . 5.12 14.11 23.85
S1G AGS D . 6.34 13.88 25.36
O2G AGS D . 5.25 15.52 23.20
O3G AGS D . 5.38 13.08 22.80
PB AGS D . 2.14 13.83 23.80
O1B AGS D . 1.25 14.86 24.44
O2B AGS D . 2.33 13.85 22.32
O3B AGS D . 3.60 13.86 24.44
PA AGS D . 2.35 10.92 24.34
O1A AGS D . 1.29 9.90 24.03
O2A AGS D . 3.56 10.85 23.44
O3A AGS D . 1.64 12.37 24.20
O5' AGS D . 2.72 10.92 25.92
C5' AGS D . 4.04 11.45 26.24
C4' AGS D . 5.00 10.39 26.79
O4' AGS D . 4.30 9.54 27.75
C3' AGS D . 5.60 9.38 25.80
O3' AGS D . 6.73 9.90 25.07
C2' AGS D . 5.88 8.14 26.69
O2' AGS D . 7.18 8.08 27.26
C1' AGS D . 4.79 8.19 27.74
N9 AGS D . 3.64 7.24 27.49
C8 AGS D . 2.68 7.50 26.54
N7 AGS D . 1.72 6.58 26.42
C5 AGS D . 2.09 5.61 27.32
C6 AGS D . 1.51 4.34 27.68
N6 AGS D . 0.39 3.81 27.12
N1 AGS D . 2.15 3.63 28.64
C2 AGS D . 3.27 4.13 29.22
N3 AGS D . 3.91 5.30 28.98
C4 AGS D . 3.28 5.99 27.99
CA CA E . 3.95 -21.40 -11.06
PG AGS F . 3.88 -24.68 -12.24
S1G AGS F . 2.43 -23.96 -13.41
O2G AGS F . 3.44 -24.74 -10.76
O3G AGS F . 4.25 -26.06 -12.71
PB AGS F . 6.08 -23.30 -13.62
O1B AGS F . 5.24 -22.51 -14.56
O2B AGS F . 6.88 -24.48 -14.15
O3B AGS F . 5.18 -23.72 -12.39
PA AGS F . 7.86 -22.32 -11.55
O1A AGS F . 6.87 -22.21 -10.40
O2A AGS F . 8.90 -21.24 -11.60
O3A AGS F . 7.02 -22.23 -12.93
O5' AGS F . 8.54 -23.81 -11.63
C5' AGS F . 7.66 -24.87 -11.16
C4' AGS F . 8.12 -25.55 -9.88
O4' AGS F . 9.55 -25.78 -10.00
C3' AGS F . 8.01 -24.75 -8.56
O3' AGS F . 6.72 -24.77 -7.95
C2' AGS F . 9.14 -25.34 -7.72
O2' AGS F . 8.79 -26.46 -6.93
C1' AGS F . 10.21 -25.67 -8.73
N9 AGS F . 11.25 -24.62 -8.80
C8 AGS F . 11.11 -23.47 -9.56
N7 AGS F . 12.15 -22.65 -9.48
C5 AGS F . 13.03 -23.30 -8.61
C6 AGS F . 14.33 -22.99 -8.08
N6 AGS F . 15.02 -21.86 -8.35
N1 AGS F . 14.89 -23.89 -7.23
C2 AGS F . 14.24 -25.03 -6.93
N3 AGS F . 13.06 -25.43 -7.34
C4 AGS F . 12.49 -24.52 -8.19
#